data_7SG3
#
_entry.id   7SG3
#
_cell.length_a   33.216
_cell.length_b   53.553
_cell.length_c   85.879
_cell.angle_alpha   104.159
_cell.angle_beta   90.462
_cell.angle_gamma   107.043
#
_symmetry.space_group_name_H-M   'P 1'
#
loop_
_entity.id
_entity.type
_entity.pdbx_description
1 polymer 'Fatty Acid Kinase B1'
2 non-polymer 'PALMITIC ACID'
3 water water
#
_entity_poly.entity_id   1
_entity_poly.type   'polypeptide(L)'
_entity_poly.pdbx_seq_one_letter_code
;HMKIAVMTDSTSYLSQDLIDKYNIQIAPLSVTFDDGKNFTESNEIAIEEFYNKMASSQTIPTTSQPAIGEWITKYEMLRD
QGYTDIIVICLSSGISGSYQSSYQAGEMVEGVNVHAFDSKLIAMIEGCYVLRAIEMVEEGYEPQQIIDDLTNMREHTGLY
LIVDDLKNLQKSGRITGAQAWVGTLLKMKPVLKFEDGKIIPEEKVRTKKRAIQTLEKKVLDIVKDFEEVTLFVINGDHFE
DGQALYKKLQDDCPSAYQVAYSEFGPVVAAHLGSGGLGLGYVGRKIRLT
;
_entity_poly.pdbx_strand_id   A,B
#
loop_
_chem_comp.id
_chem_comp.type
_chem_comp.name
_chem_comp.formula
PLM non-polymer 'PALMITIC ACID' 'C16 H32 O2'
#
# COMPACT_ATOMS: atom_id res chain seq x y z
N MET A 2 -34.57 -7.59 -11.89
CA MET A 2 -33.13 -7.63 -12.13
C MET A 2 -32.58 -6.24 -12.43
N LYS A 3 -31.56 -5.84 -11.68
CA LYS A 3 -30.90 -4.54 -11.84
C LYS A 3 -29.39 -4.78 -11.94
N ILE A 4 -28.82 -4.54 -13.12
CA ILE A 4 -27.43 -4.85 -13.41
C ILE A 4 -26.63 -3.55 -13.49
N ALA A 5 -25.49 -3.52 -12.82
CA ALA A 5 -24.59 -2.37 -12.82
C ALA A 5 -23.22 -2.80 -13.34
N VAL A 6 -22.45 -1.82 -13.81
CA VAL A 6 -21.13 -2.04 -14.39
C VAL A 6 -20.15 -1.07 -13.75
N MET A 7 -19.03 -1.60 -13.25
CA MET A 7 -17.98 -0.79 -12.63
C MET A 7 -16.64 -1.32 -13.12
N THR A 8 -15.58 -0.56 -12.85
CA THR A 8 -14.25 -0.96 -13.31
C THR A 8 -13.20 -0.33 -12.40
N ASP A 9 -11.93 -0.46 -12.79
CA ASP A 9 -10.83 0.19 -12.10
C ASP A 9 -10.36 1.39 -12.89
N SER A 10 -9.37 2.11 -12.34
CA SER A 10 -8.92 3.35 -12.95
C SER A 10 -8.10 3.10 -14.22
N THR A 11 -7.52 1.91 -14.37
CA THR A 11 -6.67 1.63 -15.53
C THR A 11 -7.46 1.52 -16.83
N SER A 12 -8.79 1.53 -16.77
CA SER A 12 -9.57 1.56 -18.00
C SER A 12 -9.53 2.92 -18.67
N TYR A 13 -9.22 3.98 -17.91
CA TYR A 13 -8.97 5.31 -18.44
C TYR A 13 -10.13 5.81 -19.30
N LEU A 14 -11.36 5.59 -18.81
CA LEU A 14 -12.52 6.14 -19.48
C LEU A 14 -12.60 7.63 -19.25
N SER A 15 -13.11 8.35 -20.24
CA SER A 15 -13.28 9.78 -20.10
C SER A 15 -14.30 10.08 -19.01
N GLN A 16 -14.10 11.20 -18.32
CA GLN A 16 -15.03 11.61 -17.28
C GLN A 16 -16.45 11.78 -17.81
N ASP A 17 -16.60 12.06 -19.10
CA ASP A 17 -17.93 12.22 -19.68
C ASP A 17 -18.73 10.94 -19.58
N LEU A 18 -18.14 9.82 -20.01
CA LEU A 18 -18.85 8.55 -19.95
C LEU A 18 -19.06 8.11 -18.50
N ILE A 19 -18.08 8.38 -17.63
CA ILE A 19 -18.21 7.99 -16.24
C ILE A 19 -19.35 8.75 -15.57
N ASP A 20 -19.54 10.02 -15.94
CA ASP A 20 -20.64 10.79 -15.39
C ASP A 20 -21.98 10.39 -16.04
N LYS A 21 -21.96 10.09 -17.34
CA LYS A 21 -23.21 9.78 -18.02
C LYS A 21 -23.79 8.45 -17.55
N TYR A 22 -22.95 7.43 -17.39
CA TYR A 22 -23.41 6.10 -17.00
C TYR A 22 -23.21 5.83 -15.51
N ASN A 23 -22.65 6.77 -14.76
CA ASN A 23 -22.43 6.63 -13.32
C ASN A 23 -21.59 5.39 -13.01
N ILE A 24 -20.49 5.25 -13.73
CA ILE A 24 -19.61 4.10 -13.57
C ILE A 24 -18.74 4.29 -12.34
N GLN A 25 -18.71 3.28 -11.48
CA GLN A 25 -17.85 3.31 -10.31
C GLN A 25 -16.43 2.86 -10.66
N ILE A 26 -15.45 3.47 -9.99
CA ILE A 26 -14.04 3.29 -10.30
C ILE A 26 -13.31 2.90 -9.03
N ALA A 27 -12.61 1.77 -9.05
CA ALA A 27 -11.70 1.37 -8.00
C ALA A 27 -10.29 1.83 -8.41
N PRO A 28 -9.77 2.92 -7.83
CA PRO A 28 -8.53 3.48 -8.37
C PRO A 28 -7.29 2.69 -7.95
N LEU A 29 -6.34 2.58 -8.88
CA LEU A 29 -5.02 2.05 -8.58
C LEU A 29 -4.13 3.17 -8.07
N SER A 30 -2.90 2.83 -7.68
CA SER A 30 -2.01 3.82 -7.10
C SER A 30 -0.60 3.62 -7.64
N VAL A 31 0.20 4.68 -7.53
CA VAL A 31 1.62 4.62 -7.89
C VAL A 31 2.41 5.40 -6.85
N THR A 32 3.31 4.73 -6.16
CA THR A 32 4.08 5.31 -5.07
C THR A 32 5.56 5.36 -5.45
N PHE A 33 6.19 6.51 -5.17
CA PHE A 33 7.61 6.69 -5.41
C PHE A 33 8.40 6.41 -4.14
N ASP A 34 9.72 6.33 -4.30
CA ASP A 34 10.58 6.05 -3.16
C ASP A 34 10.67 7.23 -2.20
N ASP A 35 10.29 8.43 -2.65
CA ASP A 35 10.28 9.61 -1.77
C ASP A 35 9.05 9.67 -0.88
N GLY A 36 8.10 8.75 -1.05
CA GLY A 36 6.86 8.77 -0.31
C GLY A 36 5.68 9.36 -1.08
N LYS A 37 5.94 10.07 -2.19
CA LYS A 37 4.88 10.66 -2.98
C LYS A 37 4.03 9.56 -3.61
N ASN A 38 2.72 9.61 -3.35
CA ASN A 38 1.77 8.64 -3.87
C ASN A 38 0.75 9.36 -4.74
N PHE A 39 0.52 8.83 -5.93
CA PHE A 39 -0.49 9.34 -6.85
C PHE A 39 -1.60 8.30 -6.96
N THR A 40 -2.82 8.69 -6.60
CA THR A 40 -4.00 7.85 -6.78
C THR A 40 -4.65 8.20 -8.11
N GLU A 41 -4.86 7.19 -8.95
CA GLU A 41 -5.33 7.43 -10.31
C GLU A 41 -6.75 8.01 -10.29
N SER A 42 -6.90 9.19 -10.86
CA SER A 42 -8.20 9.83 -11.01
C SER A 42 -8.11 10.84 -12.15
N ASN A 43 -9.27 11.34 -12.57
CA ASN A 43 -9.35 12.32 -13.64
C ASN A 43 -9.08 13.73 -13.17
N GLU A 44 -8.52 13.90 -11.96
CA GLU A 44 -8.27 15.22 -11.40
C GLU A 44 -6.80 15.54 -11.23
N ILE A 45 -5.92 14.54 -11.23
CA ILE A 45 -4.50 14.79 -11.03
C ILE A 45 -3.85 15.20 -12.35
N ALA A 46 -2.76 15.95 -12.23
CA ALA A 46 -2.03 16.47 -13.40
C ALA A 46 -1.03 15.43 -13.86
N ILE A 47 -1.24 14.90 -15.08
CA ILE A 47 -0.33 13.90 -15.61
C ILE A 47 1.03 14.52 -15.91
N GLU A 48 1.08 15.82 -16.18
CA GLU A 48 2.35 16.50 -16.38
C GLU A 48 3.20 16.49 -15.12
N GLU A 49 2.56 16.70 -13.96
CA GLU A 49 3.29 16.60 -12.70
C GLU A 49 3.84 15.21 -12.48
N PHE A 50 3.07 14.19 -12.84
CA PHE A 50 3.54 12.81 -12.68
C PHE A 50 4.72 12.53 -13.60
N TYR A 51 4.67 13.01 -14.84
CA TYR A 51 5.80 12.81 -15.75
C TYR A 51 7.03 13.56 -15.27
N ASN A 52 6.85 14.77 -14.75
CA ASN A 52 7.98 15.53 -14.20
C ASN A 52 8.59 14.79 -13.01
N LYS A 53 7.76 14.20 -12.15
CA LYS A 53 8.28 13.42 -11.03
C LYS A 53 9.04 12.20 -11.53
N MET A 54 8.45 11.46 -12.46
CA MET A 54 9.11 10.28 -13.00
C MET A 54 10.47 10.63 -13.62
N ALA A 55 10.55 11.80 -14.25
CA ALA A 55 11.83 12.26 -14.77
C ALA A 55 12.80 12.61 -13.65
N SER A 56 12.29 13.26 -12.59
CA SER A 56 13.10 13.72 -11.48
C SER A 56 13.29 12.65 -10.41
N SER A 57 13.10 11.38 -10.74
CA SER A 57 13.23 10.29 -9.78
C SER A 57 14.36 9.38 -10.22
N GLN A 58 15.30 9.11 -9.31
CA GLN A 58 16.42 8.23 -9.64
C GLN A 58 15.97 6.78 -9.78
N THR A 59 14.90 6.40 -9.08
CA THR A 59 14.38 5.04 -9.12
C THR A 59 12.96 5.04 -9.69
N ILE A 60 12.58 3.93 -10.30
CA ILE A 60 11.24 3.78 -10.86
C ILE A 60 10.26 3.62 -9.70
N PRO A 61 9.02 4.06 -9.85
CA PRO A 61 8.03 3.88 -8.78
C PRO A 61 7.40 2.49 -8.82
N THR A 62 6.66 2.17 -7.76
CA THR A 62 5.93 0.93 -7.68
C THR A 62 4.44 1.20 -7.88
N THR A 63 3.74 0.22 -8.43
CA THR A 63 2.30 0.31 -8.68
C THR A 63 1.55 -0.58 -7.70
N SER A 64 0.34 -0.16 -7.35
CA SER A 64 -0.47 -0.83 -6.35
C SER A 64 -1.89 -1.03 -6.88
N GLN A 65 -2.37 -2.28 -6.80
CA GLN A 65 -3.74 -2.60 -7.14
C GLN A 65 -4.69 -1.91 -6.15
N PRO A 66 -5.97 -1.80 -6.50
CA PRO A 66 -6.94 -1.26 -5.53
C PRO A 66 -7.01 -2.17 -4.31
N ALA A 67 -6.77 -1.57 -3.15
CA ALA A 67 -6.74 -2.33 -1.91
C ALA A 67 -8.07 -3.06 -1.69
N ILE A 68 -7.99 -4.24 -1.08
CA ILE A 68 -9.18 -5.04 -0.82
C ILE A 68 -10.08 -4.30 0.16
N GLY A 69 -10.67 -3.21 -0.30
CA GLY A 69 -11.52 -2.37 0.52
C GLY A 69 -12.38 -1.47 -0.32
N GLU A 70 -11.77 -0.80 -1.30
CA GLU A 70 -12.55 0.06 -2.21
C GLU A 70 -13.58 -0.75 -2.96
N TRP A 71 -13.22 -1.94 -3.43
CA TRP A 71 -14.20 -2.83 -4.04
C TRP A 71 -15.34 -3.12 -3.09
N ILE A 72 -15.03 -3.35 -1.82
CA ILE A 72 -16.07 -3.73 -0.85
C ILE A 72 -17.06 -2.58 -0.66
N THR A 73 -16.55 -1.36 -0.43
CA THR A 73 -17.45 -0.23 -0.25
C THR A 73 -18.22 0.08 -1.53
N LYS A 74 -17.61 -0.13 -2.70
CA LYS A 74 -18.31 0.13 -3.95
C LYS A 74 -19.46 -0.86 -4.16
N TYR A 75 -19.19 -2.14 -3.91
CA TYR A 75 -20.26 -3.15 -3.97
C TYR A 75 -21.35 -2.85 -2.95
N GLU A 76 -20.95 -2.43 -1.74
CA GLU A 76 -21.93 -2.13 -0.70
C GLU A 76 -22.82 -0.97 -1.11
N MET A 77 -22.24 0.08 -1.69
CA MET A 77 -23.02 1.22 -2.15
C MET A 77 -23.94 0.82 -3.30
N LEU A 78 -23.45 -0.01 -4.21
CA LEU A 78 -24.31 -0.46 -5.32
C LEU A 78 -25.45 -1.33 -4.84
N ARG A 79 -25.23 -2.12 -3.78
CA ARG A 79 -26.31 -2.93 -3.23
C ARG A 79 -27.31 -2.08 -2.46
N ASP A 80 -26.80 -1.10 -1.69
CA ASP A 80 -27.69 -0.18 -0.99
C ASP A 80 -28.53 0.63 -1.96
N GLN A 81 -27.98 0.97 -3.12
CA GLN A 81 -28.76 1.64 -4.16
C GLN A 81 -29.75 0.71 -4.84
N GLY A 82 -29.62 -0.60 -4.64
CA GLY A 82 -30.55 -1.55 -5.22
C GLY A 82 -30.10 -2.11 -6.57
N TYR A 83 -29.00 -2.87 -6.55
CA TYR A 83 -28.47 -3.50 -7.75
C TYR A 83 -28.33 -4.99 -7.51
N THR A 84 -28.89 -5.80 -8.40
CA THR A 84 -28.89 -7.25 -8.23
C THR A 84 -27.64 -7.92 -8.80
N ASP A 85 -26.98 -7.29 -9.77
CA ASP A 85 -25.79 -7.86 -10.39
C ASP A 85 -24.78 -6.75 -10.66
N ILE A 86 -23.51 -7.04 -10.43
CA ILE A 86 -22.43 -6.09 -10.63
C ILE A 86 -21.39 -6.74 -11.55
N ILE A 87 -21.24 -6.19 -12.74
CA ILE A 87 -20.22 -6.66 -13.69
C ILE A 87 -18.97 -5.79 -13.50
N VAL A 88 -17.87 -6.44 -13.14
CA VAL A 88 -16.61 -5.75 -12.83
C VAL A 88 -15.61 -6.04 -13.94
N ILE A 89 -15.06 -4.99 -14.52
CA ILE A 89 -14.06 -5.10 -15.59
C ILE A 89 -12.73 -4.65 -15.02
N CYS A 90 -11.76 -5.56 -14.99
CA CYS A 90 -10.44 -5.28 -14.46
C CYS A 90 -9.40 -5.40 -15.57
N LEU A 91 -8.25 -4.73 -15.35
CA LEU A 91 -7.13 -4.90 -16.25
C LEU A 91 -6.62 -6.33 -16.19
N SER A 92 -5.62 -6.62 -17.01
CA SER A 92 -5.14 -7.99 -17.18
C SER A 92 -4.68 -8.57 -15.83
N SER A 93 -5.20 -9.74 -15.50
CA SER A 93 -4.78 -10.44 -14.29
C SER A 93 -3.36 -10.95 -14.39
N GLY A 94 -2.82 -11.07 -15.61
CA GLY A 94 -1.43 -11.47 -15.80
C GLY A 94 -0.42 -10.38 -15.51
N ILE A 95 -0.87 -9.14 -15.42
CA ILE A 95 0.02 -8.01 -15.14
C ILE A 95 -0.26 -7.36 -13.80
N SER A 96 -1.42 -7.62 -13.19
CA SER A 96 -1.78 -6.96 -11.95
C SER A 96 -2.68 -7.90 -11.15
N GLY A 97 -2.79 -7.61 -9.86
CA GLY A 97 -3.65 -8.36 -8.97
C GLY A 97 -5.02 -7.75 -8.74
N SER A 98 -5.41 -6.76 -9.56
CA SER A 98 -6.68 -6.08 -9.32
C SER A 98 -7.87 -7.01 -9.58
N TYR A 99 -7.77 -7.87 -10.59
CA TYR A 99 -8.85 -8.83 -10.85
C TYR A 99 -9.04 -9.78 -9.69
N GLN A 100 -7.93 -10.30 -9.12
CA GLN A 100 -8.04 -11.22 -8.00
C GLN A 100 -8.64 -10.53 -6.78
N SER A 101 -8.21 -9.30 -6.50
CA SER A 101 -8.74 -8.57 -5.35
C SER A 101 -10.22 -8.25 -5.53
N SER A 102 -10.63 -7.89 -6.75
CA SER A 102 -12.05 -7.63 -6.99
C SER A 102 -12.88 -8.89 -6.84
N TYR A 103 -12.38 -10.03 -7.34
CA TYR A 103 -13.11 -11.28 -7.18
C TYR A 103 -13.23 -11.65 -5.71
N GLN A 104 -12.14 -11.49 -4.95
CA GLN A 104 -12.17 -11.85 -3.53
C GLN A 104 -13.08 -10.93 -2.75
N ALA A 105 -13.13 -9.64 -3.11
CA ALA A 105 -14.05 -8.72 -2.45
C ALA A 105 -15.49 -9.02 -2.81
N GLY A 106 -15.74 -9.53 -4.02
CA GLY A 106 -17.08 -9.90 -4.42
C GLY A 106 -17.67 -11.05 -3.64
N GLU A 107 -16.83 -11.81 -2.93
CA GLU A 107 -17.31 -12.92 -2.11
C GLU A 107 -17.72 -12.48 -0.71
N MET A 108 -17.30 -11.30 -0.27
CA MET A 108 -17.60 -10.81 1.07
C MET A 108 -18.74 -9.80 1.08
N VAL A 109 -19.44 -9.63 -0.03
CA VAL A 109 -20.56 -8.69 -0.12
C VAL A 109 -21.82 -9.50 -0.34
N GLU A 110 -22.78 -9.37 0.57
CA GLU A 110 -24.03 -10.12 0.50
C GLU A 110 -25.09 -9.30 -0.22
N GLY A 111 -25.91 -9.99 -1.02
CA GLY A 111 -27.08 -9.38 -1.62
C GLY A 111 -26.98 -9.00 -3.07
N VAL A 112 -25.82 -9.16 -3.70
CA VAL A 112 -25.67 -8.90 -5.13
C VAL A 112 -24.60 -9.84 -5.69
N ASN A 113 -24.86 -10.36 -6.89
CA ASN A 113 -23.88 -11.20 -7.58
C ASN A 113 -22.80 -10.33 -8.20
N VAL A 114 -21.55 -10.69 -7.96
CA VAL A 114 -20.39 -9.96 -8.47
C VAL A 114 -19.77 -10.80 -9.56
N HIS A 115 -19.86 -10.32 -10.81
CA HIS A 115 -19.29 -11.01 -11.96
C HIS A 115 -18.02 -10.26 -12.36
N ALA A 116 -16.88 -10.72 -11.82
CA ALA A 116 -15.59 -10.13 -12.13
C ALA A 116 -15.08 -10.65 -13.47
N PHE A 117 -14.70 -9.74 -14.36
CA PHE A 117 -14.23 -10.09 -15.68
C PHE A 117 -12.77 -9.68 -15.84
N ASP A 118 -11.97 -10.60 -16.38
CA ASP A 118 -10.56 -10.34 -16.68
C ASP A 118 -10.48 -9.88 -18.13
N SER A 119 -10.28 -8.58 -18.33
CA SER A 119 -10.26 -8.04 -19.69
C SER A 119 -9.03 -8.46 -20.47
N LYS A 120 -7.96 -8.87 -19.78
CA LYS A 120 -6.67 -9.23 -20.37
C LYS A 120 -5.99 -8.08 -21.09
N LEU A 121 -6.52 -6.87 -20.96
CA LEU A 121 -5.95 -5.70 -21.63
C LEU A 121 -5.77 -4.55 -20.65
N ILE A 122 -5.87 -3.32 -21.15
CA ILE A 122 -5.57 -2.12 -20.36
C ILE A 122 -6.07 -0.91 -21.14
N ALA A 123 -6.21 0.20 -20.45
CA ALA A 123 -6.51 1.51 -21.05
C ALA A 123 -7.89 1.45 -21.70
N MET A 124 -8.11 2.26 -22.75
CA MET A 124 -9.42 2.30 -23.38
C MET A 124 -9.79 0.97 -24.02
N ILE A 125 -8.82 0.12 -24.35
CA ILE A 125 -9.17 -1.21 -24.83
C ILE A 125 -9.89 -1.98 -23.72
N GLU A 126 -9.48 -1.78 -22.47
CA GLU A 126 -10.20 -2.34 -21.35
C GLU A 126 -11.52 -1.60 -21.10
N GLY A 127 -11.52 -0.28 -21.25
CA GLY A 127 -12.75 0.49 -21.10
C GLY A 127 -13.81 0.15 -22.13
N CYS A 128 -13.41 -0.42 -23.26
CA CYS A 128 -14.37 -0.88 -24.25
C CYS A 128 -15.24 -2.01 -23.71
N TYR A 129 -14.67 -2.87 -22.87
CA TYR A 129 -15.48 -3.90 -22.22
C TYR A 129 -16.53 -3.27 -21.32
N VAL A 130 -16.17 -2.20 -20.62
CA VAL A 130 -17.13 -1.49 -19.77
C VAL A 130 -18.25 -0.90 -20.62
N LEU A 131 -17.88 -0.28 -21.74
CA LEU A 131 -18.88 0.35 -22.61
C LEU A 131 -19.81 -0.69 -23.22
N ARG A 132 -19.26 -1.82 -23.66
CA ARG A 132 -20.09 -2.88 -24.23
C ARG A 132 -21.01 -3.49 -23.17
N ALA A 133 -20.49 -3.69 -21.96
CA ALA A 133 -21.33 -4.20 -20.88
C ALA A 133 -22.48 -3.26 -20.59
N ILE A 134 -22.21 -1.96 -20.49
CA ILE A 134 -23.27 -0.99 -20.20
C ILE A 134 -24.31 -1.00 -21.33
N GLU A 135 -23.84 -0.95 -22.58
CA GLU A 135 -24.75 -0.99 -23.72
C GLU A 135 -25.65 -2.21 -23.67
N MET A 136 -25.09 -3.39 -23.39
CA MET A 136 -25.89 -4.60 -23.39
C MET A 136 -26.78 -4.71 -22.15
N VAL A 137 -26.44 -4.03 -21.05
CA VAL A 137 -27.41 -3.89 -19.97
C VAL A 137 -28.59 -3.03 -20.42
N GLU A 138 -28.31 -1.97 -21.19
CA GLU A 138 -29.40 -1.15 -21.70
C GLU A 138 -30.29 -1.93 -22.66
N GLU A 139 -29.73 -2.89 -23.39
CA GLU A 139 -30.51 -3.71 -24.32
C GLU A 139 -31.32 -4.78 -23.61
N GLY A 140 -31.01 -5.08 -22.35
CA GLY A 140 -31.78 -6.04 -21.59
C GLY A 140 -31.22 -7.45 -21.63
N TYR A 141 -29.90 -7.57 -21.57
CA TYR A 141 -29.25 -8.86 -21.58
C TYR A 141 -29.02 -9.37 -20.17
N GLU A 142 -28.80 -10.67 -20.06
CA GLU A 142 -28.52 -11.30 -18.79
C GLU A 142 -27.03 -11.24 -18.47
N PRO A 143 -26.67 -11.19 -17.19
CA PRO A 143 -25.24 -11.11 -16.83
C PRO A 143 -24.41 -12.25 -17.38
N GLN A 144 -24.98 -13.47 -17.44
CA GLN A 144 -24.25 -14.58 -18.04
C GLN A 144 -24.04 -14.35 -19.53
N GLN A 145 -25.07 -13.89 -20.24
CA GLN A 145 -24.90 -13.54 -21.64
C GLN A 145 -23.89 -12.41 -21.82
N ILE A 146 -23.84 -11.48 -20.87
CA ILE A 146 -22.88 -10.39 -20.94
C ILE A 146 -21.46 -10.91 -20.80
N ILE A 147 -21.23 -11.80 -19.83
CA ILE A 147 -19.91 -12.39 -19.66
C ILE A 147 -19.52 -13.18 -20.91
N ASP A 148 -20.48 -13.91 -21.48
CA ASP A 148 -20.20 -14.68 -22.69
C ASP A 148 -19.82 -13.75 -23.84
N ASP A 149 -20.55 -12.65 -24.02
CA ASP A 149 -20.24 -11.71 -25.08
C ASP A 149 -18.88 -11.07 -24.87
N LEU A 150 -18.55 -10.70 -23.63
CA LEU A 150 -17.24 -10.10 -23.35
C LEU A 150 -16.12 -11.10 -23.60
N THR A 151 -16.35 -12.37 -23.26
CA THR A 151 -15.34 -13.40 -23.52
C THR A 151 -15.15 -13.61 -25.03
N ASN A 152 -16.24 -13.54 -25.79
CA ASN A 152 -16.10 -13.61 -27.25
C ASN A 152 -15.35 -12.41 -27.79
N MET A 153 -15.65 -11.21 -27.26
CA MET A 153 -14.94 -10.01 -27.67
C MET A 153 -13.46 -10.09 -27.36
N ARG A 154 -13.11 -10.75 -26.26
CA ARG A 154 -11.71 -10.90 -25.88
C ARG A 154 -10.92 -11.67 -26.95
N GLU A 155 -11.60 -12.51 -27.73
CA GLU A 155 -10.92 -13.30 -28.74
C GLU A 155 -10.40 -12.44 -29.89
N HIS A 156 -11.07 -11.31 -30.16
CA HIS A 156 -10.68 -10.44 -31.26
C HIS A 156 -10.33 -9.05 -30.75
N THR A 157 -9.42 -8.99 -29.79
CA THR A 157 -9.04 -7.75 -29.13
C THR A 157 -7.57 -7.80 -28.77
N GLY A 158 -6.85 -6.71 -29.03
CA GLY A 158 -5.43 -6.71 -28.76
C GLY A 158 -4.87 -5.31 -28.63
N LEU A 159 -3.57 -5.25 -28.35
CA LEU A 159 -2.89 -3.97 -28.16
C LEU A 159 -1.40 -4.13 -28.40
N TYR A 160 -0.86 -3.37 -29.36
CA TYR A 160 0.56 -3.28 -29.61
C TYR A 160 1.10 -1.99 -29.01
N LEU A 161 2.39 -1.99 -28.64
CA LEU A 161 2.96 -0.92 -27.86
C LEU A 161 4.40 -0.62 -28.29
N ILE A 162 4.77 0.65 -28.17
CA ILE A 162 6.11 1.13 -28.46
C ILE A 162 6.65 1.76 -27.18
N VAL A 163 7.81 1.28 -26.73
CA VAL A 163 8.52 1.88 -25.61
C VAL A 163 9.56 2.84 -26.17
N ASP A 164 9.53 4.09 -25.70
CA ASP A 164 10.47 5.10 -26.16
C ASP A 164 11.55 5.44 -25.13
N ASP A 165 11.31 5.17 -23.85
CA ASP A 165 12.23 5.57 -22.79
C ASP A 165 13.14 4.39 -22.45
N LEU A 166 14.34 4.38 -23.03
CA LEU A 166 15.33 3.39 -22.66
C LEU A 166 15.96 3.70 -21.31
N LYS A 167 16.01 4.97 -20.93
CA LYS A 167 16.50 5.33 -19.60
C LYS A 167 15.58 4.79 -18.51
N ASN A 168 14.28 4.73 -18.78
CA ASN A 168 13.36 4.14 -17.81
C ASN A 168 13.52 2.62 -17.75
N LEU A 169 13.78 1.99 -18.90
CA LEU A 169 14.05 0.55 -18.90
C LEU A 169 15.33 0.24 -18.14
N GLN A 170 16.32 1.12 -18.22
CA GLN A 170 17.55 0.95 -17.44
C GLN A 170 17.28 1.16 -15.96
N LYS A 171 16.50 2.18 -15.61
CA LYS A 171 16.19 2.49 -14.22
C LYS A 171 15.45 1.35 -13.54
N SER A 172 14.76 0.50 -14.30
CA SER A 172 14.11 -0.68 -13.74
C SER A 172 15.01 -1.91 -13.74
N GLY A 173 16.22 -1.81 -14.32
CA GLY A 173 17.15 -2.90 -14.35
C GLY A 173 16.91 -3.93 -15.45
N ARG A 174 15.93 -3.69 -16.33
CA ARG A 174 15.63 -4.67 -17.37
C ARG A 174 16.68 -4.70 -18.47
N ILE A 175 17.47 -3.63 -18.60
CA ILE A 175 18.54 -3.56 -19.60
C ILE A 175 19.77 -2.94 -18.94
N THR A 176 20.90 -3.09 -19.61
CA THR A 176 22.17 -2.61 -19.11
C THR A 176 22.51 -1.25 -19.72
N GLY A 177 23.63 -0.68 -19.26
CA GLY A 177 24.03 0.63 -19.76
C GLY A 177 24.48 0.59 -21.21
N ALA A 178 25.34 -0.37 -21.56
CA ALA A 178 25.77 -0.50 -22.95
C ALA A 178 24.61 -0.81 -23.86
N GLN A 179 23.64 -1.60 -23.39
CA GLN A 179 22.45 -1.89 -24.18
C GLN A 179 21.66 -0.62 -24.45
N ALA A 180 21.45 0.21 -23.43
CA ALA A 180 20.72 1.45 -23.61
C ALA A 180 21.46 2.39 -24.55
N TRP A 181 22.79 2.45 -24.43
CA TRP A 181 23.57 3.33 -25.31
C TRP A 181 23.48 2.86 -26.76
N VAL A 182 23.60 1.56 -27.00
CA VAL A 182 23.51 1.03 -28.36
C VAL A 182 22.11 1.23 -28.92
N GLY A 183 21.08 1.08 -28.08
CA GLY A 183 19.73 1.32 -28.54
C GLY A 183 19.47 2.77 -28.88
N THR A 184 20.05 3.69 -28.10
CA THR A 184 19.92 5.11 -28.42
C THR A 184 20.68 5.47 -29.69
N LEU A 185 21.85 4.85 -29.89
CA LEU A 185 22.65 5.14 -31.08
C LEU A 185 21.97 4.60 -32.33
N LEU A 186 21.39 3.41 -32.24
CA LEU A 186 20.69 2.79 -33.37
C LEU A 186 19.23 3.20 -33.44
N LYS A 187 18.78 4.10 -32.58
CA LYS A 187 17.38 4.53 -32.52
C LYS A 187 16.44 3.34 -32.34
N MET A 188 16.91 2.33 -31.62
CA MET A 188 16.14 1.10 -31.43
C MET A 188 14.93 1.36 -30.55
N LYS A 189 13.77 0.95 -31.03
CA LYS A 189 12.52 1.10 -30.28
C LYS A 189 11.87 -0.27 -30.13
N PRO A 190 11.81 -0.82 -28.92
CA PRO A 190 11.18 -2.14 -28.75
C PRO A 190 9.67 -2.05 -28.98
N VAL A 191 9.15 -3.05 -29.70
CA VAL A 191 7.71 -3.19 -29.92
C VAL A 191 7.23 -4.39 -29.11
N LEU A 192 6.19 -4.19 -28.33
CA LEU A 192 5.60 -5.24 -27.51
C LEU A 192 4.14 -5.41 -27.89
N LYS A 193 3.53 -6.48 -27.40
CA LYS A 193 2.14 -6.74 -27.69
C LYS A 193 1.51 -7.51 -26.54
N PHE A 194 0.20 -7.40 -26.43
CA PHE A 194 -0.57 -8.15 -25.45
C PHE A 194 -0.97 -9.49 -26.06
N GLU A 195 -0.75 -10.56 -25.29
CA GLU A 195 -1.07 -11.91 -25.74
C GLU A 195 -1.50 -12.69 -24.51
N ASP A 196 -2.78 -13.08 -24.47
CA ASP A 196 -3.35 -13.82 -23.34
C ASP A 196 -3.08 -13.12 -22.02
N GLY A 197 -3.16 -11.79 -22.03
CA GLY A 197 -2.97 -11.01 -20.83
C GLY A 197 -1.53 -10.73 -20.45
N LYS A 198 -0.56 -11.18 -21.25
CA LYS A 198 0.84 -10.98 -20.96
C LYS A 198 1.45 -10.02 -21.98
N ILE A 199 2.41 -9.22 -21.54
CA ILE A 199 3.15 -8.32 -22.41
C ILE A 199 4.37 -9.08 -22.93
N ILE A 200 4.40 -9.34 -24.23
CA ILE A 200 5.50 -10.11 -24.81
C ILE A 200 6.15 -9.29 -25.93
N PRO A 201 7.45 -9.44 -26.16
CA PRO A 201 8.09 -8.70 -27.25
C PRO A 201 7.62 -9.22 -28.61
N GLU A 202 7.74 -8.35 -29.61
CA GLU A 202 7.28 -8.69 -30.94
C GLU A 202 8.34 -8.32 -31.98
N GLU A 203 8.76 -7.05 -31.98
CA GLU A 203 9.75 -6.57 -32.93
C GLU A 203 10.68 -5.58 -32.23
N LYS A 204 11.82 -5.32 -32.85
CA LYS A 204 12.75 -4.28 -32.43
C LYS A 204 13.03 -3.44 -33.67
N VAL A 205 12.44 -2.24 -33.73
CA VAL A 205 12.44 -1.40 -34.92
C VAL A 205 13.24 -0.14 -34.64
N ARG A 206 14.08 0.25 -35.60
CA ARG A 206 14.85 1.47 -35.49
C ARG A 206 13.99 2.69 -35.78
N THR A 207 14.19 3.75 -34.99
CA THR A 207 13.42 5.00 -35.04
C THR A 207 11.97 4.79 -34.63
N LYS A 208 11.37 5.84 -34.06
CA LYS A 208 9.97 5.78 -33.67
C LYS A 208 9.03 5.85 -34.87
N LYS A 209 9.45 6.48 -35.97
CA LYS A 209 8.59 6.59 -37.14
C LYS A 209 8.31 5.21 -37.75
N ARG A 210 9.37 4.43 -37.99
CA ARG A 210 9.19 3.08 -38.51
C ARG A 210 8.44 2.19 -37.53
N ALA A 211 8.61 2.42 -36.22
CA ALA A 211 7.88 1.64 -35.25
C ALA A 211 6.39 1.95 -35.30
N ILE A 212 6.03 3.23 -35.49
CA ILE A 212 4.64 3.59 -35.65
C ILE A 212 4.07 2.99 -36.93
N GLN A 213 4.84 3.03 -38.00
CA GLN A 213 4.39 2.40 -39.25
C GLN A 213 4.17 0.90 -39.07
N THR A 214 5.04 0.24 -38.30
CA THR A 214 4.87 -1.18 -38.04
C THR A 214 3.61 -1.43 -37.21
N LEU A 215 3.39 -0.61 -36.18
CA LEU A 215 2.14 -0.68 -35.42
C LEU A 215 0.94 -0.66 -36.35
N GLU A 216 0.90 0.35 -37.22
CA GLU A 216 -0.24 0.49 -38.13
C GLU A 216 -0.38 -0.70 -39.05
N LYS A 217 0.73 -1.14 -39.64
CA LYS A 217 0.71 -2.27 -40.56
C LYS A 217 0.17 -3.52 -39.89
N LYS A 218 0.70 -3.86 -38.72
CA LYS A 218 0.29 -5.09 -38.03
C LYS A 218 -1.17 -5.01 -37.60
N VAL A 219 -1.59 -3.88 -37.02
CA VAL A 219 -2.97 -3.77 -36.56
C VAL A 219 -3.94 -3.82 -37.73
N LEU A 220 -3.60 -3.17 -38.85
CA LEU A 220 -4.48 -3.21 -40.01
C LEU A 220 -4.56 -4.61 -40.59
N ASP A 221 -3.42 -5.33 -40.64
CA ASP A 221 -3.44 -6.71 -41.11
C ASP A 221 -4.32 -7.58 -40.23
N ILE A 222 -4.29 -7.35 -38.92
CA ILE A 222 -5.11 -8.14 -38.01
C ILE A 222 -6.60 -7.82 -38.22
N VAL A 223 -6.95 -6.54 -38.24
CA VAL A 223 -8.36 -6.15 -38.27
C VAL A 223 -8.98 -6.23 -39.66
N LYS A 224 -8.19 -6.49 -40.71
CA LYS A 224 -8.76 -6.70 -42.04
C LYS A 224 -9.81 -7.81 -42.05
N ASP A 225 -9.69 -8.78 -41.15
CA ASP A 225 -10.56 -9.95 -41.15
C ASP A 225 -11.76 -9.82 -40.22
N PHE A 226 -11.92 -8.68 -39.55
CA PHE A 226 -12.98 -8.50 -38.58
C PHE A 226 -14.20 -7.87 -39.23
N GLU A 227 -15.38 -8.38 -38.90
CA GLU A 227 -16.61 -7.81 -39.43
C GLU A 227 -16.88 -6.42 -38.87
N GLU A 228 -16.40 -6.15 -37.66
CA GLU A 228 -16.48 -4.84 -37.04
C GLU A 228 -15.11 -4.48 -36.49
N VAL A 229 -14.71 -3.23 -36.64
CA VAL A 229 -13.37 -2.79 -36.25
C VAL A 229 -13.49 -1.50 -35.46
N THR A 230 -12.84 -1.45 -34.29
CA THR A 230 -12.68 -0.23 -33.52
C THR A 230 -11.23 -0.11 -33.10
N LEU A 231 -10.56 0.94 -33.57
CA LEU A 231 -9.15 1.17 -33.29
C LEU A 231 -9.01 2.31 -32.27
N PHE A 232 -7.94 2.23 -31.49
CA PHE A 232 -7.70 3.20 -30.42
C PHE A 232 -6.22 3.55 -30.38
N VAL A 233 -5.91 4.82 -30.58
CA VAL A 233 -4.56 5.34 -30.33
C VAL A 233 -4.46 5.70 -28.86
N ILE A 234 -3.47 5.16 -28.16
CA ILE A 234 -3.27 5.41 -26.73
C ILE A 234 -1.90 6.06 -26.58
N ASN A 235 -1.89 7.38 -26.40
CA ASN A 235 -0.67 8.16 -26.45
C ASN A 235 -0.16 8.47 -25.05
N GLY A 236 1.11 8.88 -24.98
CA GLY A 236 1.72 9.35 -23.75
C GLY A 236 1.90 10.85 -23.73
N ASP A 237 3.04 11.31 -23.18
CA ASP A 237 3.33 12.73 -23.11
C ASP A 237 3.82 13.31 -24.44
N HIS A 238 4.08 12.47 -25.44
CA HIS A 238 4.48 12.93 -26.76
C HIS A 238 3.22 13.09 -27.60
N PHE A 239 2.70 14.32 -27.65
CA PHE A 239 1.45 14.57 -28.36
C PHE A 239 1.60 14.35 -29.86
N GLU A 240 2.73 14.79 -30.43
CA GLU A 240 2.91 14.75 -31.87
C GLU A 240 2.82 13.34 -32.42
N ASP A 241 3.48 12.38 -31.77
CA ASP A 241 3.49 11.01 -32.28
C ASP A 241 2.09 10.42 -32.31
N GLY A 242 1.35 10.54 -31.20
CA GLY A 242 0.01 10.01 -31.16
C GLY A 242 -0.92 10.70 -32.15
N GLN A 243 -0.79 12.02 -32.29
CA GLN A 243 -1.64 12.73 -33.24
C GLN A 243 -1.33 12.34 -34.67
N ALA A 244 -0.04 12.16 -34.99
CA ALA A 244 0.34 11.71 -36.32
C ALA A 244 -0.23 10.33 -36.61
N LEU A 245 -0.11 9.40 -35.64
CA LEU A 245 -0.68 8.07 -35.84
C LEU A 245 -2.19 8.14 -36.01
N TYR A 246 -2.86 8.97 -35.22
CA TYR A 246 -4.31 9.11 -35.32
C TYR A 246 -4.72 9.62 -36.70
N LYS A 247 -4.01 10.64 -37.20
CA LYS A 247 -4.35 11.20 -38.50
C LYS A 247 -4.04 10.22 -39.62
N LYS A 248 -2.92 9.50 -39.52
CA LYS A 248 -2.59 8.48 -40.51
C LYS A 248 -3.66 7.40 -40.54
N LEU A 249 -4.15 6.99 -39.37
CA LEU A 249 -5.23 6.00 -39.34
C LEU A 249 -6.51 6.56 -39.96
N GLN A 250 -6.85 7.81 -39.65
CA GLN A 250 -8.05 8.41 -40.22
C GLN A 250 -7.96 8.49 -41.74
N ASP A 251 -6.75 8.74 -42.27
CA ASP A 251 -6.60 8.84 -43.72
C ASP A 251 -6.55 7.48 -44.39
N ASP A 252 -5.93 6.49 -43.72
CA ASP A 252 -5.77 5.16 -44.30
C ASP A 252 -6.96 4.27 -44.05
N CYS A 253 -7.64 4.44 -42.92
CA CYS A 253 -8.74 3.51 -42.69
C CYS A 253 -10.03 4.07 -43.27
N PRO A 254 -10.89 3.21 -43.81
CA PRO A 254 -12.20 3.67 -44.29
C PRO A 254 -13.07 4.11 -43.14
N SER A 255 -14.11 4.87 -43.47
CA SER A 255 -15.04 5.33 -42.45
C SER A 255 -15.79 4.18 -41.78
N ALA A 256 -15.82 2.99 -42.40
CA ALA A 256 -16.39 1.84 -41.74
C ALA A 256 -15.64 1.50 -40.46
N TYR A 257 -14.38 1.91 -40.36
CA TYR A 257 -13.61 1.72 -39.14
C TYR A 257 -13.86 2.87 -38.18
N GLN A 258 -13.98 2.54 -36.90
CA GLN A 258 -14.12 3.53 -35.84
C GLN A 258 -12.74 3.78 -35.24
N VAL A 259 -12.17 4.94 -35.54
CA VAL A 259 -10.85 5.32 -35.05
C VAL A 259 -11.03 6.36 -33.95
N ALA A 260 -10.34 6.15 -32.84
CA ALA A 260 -10.48 7.01 -31.67
C ALA A 260 -9.10 7.28 -31.08
N TYR A 261 -9.06 8.25 -30.17
CA TYR A 261 -7.82 8.67 -29.54
C TYR A 261 -8.00 8.66 -28.03
N SER A 262 -6.92 8.31 -27.32
CA SER A 262 -6.95 8.26 -25.87
C SER A 262 -5.52 8.40 -25.35
N GLU A 263 -5.41 8.55 -24.04
CA GLU A 263 -4.13 8.67 -23.36
C GLU A 263 -4.18 7.86 -22.08
N PHE A 264 -3.06 7.23 -21.73
CA PHE A 264 -3.03 6.45 -20.51
C PHE A 264 -2.55 7.31 -19.34
N GLY A 265 -2.73 6.78 -18.15
CA GLY A 265 -2.49 7.52 -16.94
C GLY A 265 -1.23 7.09 -16.21
N PRO A 266 -1.12 7.49 -14.94
CA PRO A 266 0.15 7.31 -14.22
C PRO A 266 0.57 5.86 -14.07
N VAL A 267 -0.36 4.94 -13.79
CA VAL A 267 0.04 3.55 -13.55
C VAL A 267 0.68 2.95 -14.79
N VAL A 268 0.14 3.27 -15.97
CA VAL A 268 0.72 2.77 -17.22
C VAL A 268 2.04 3.49 -17.52
N ALA A 269 2.07 4.81 -17.32
CA ALA A 269 3.26 5.58 -17.65
C ALA A 269 4.45 5.21 -16.77
N ALA A 270 4.19 4.77 -15.55
CA ALA A 270 5.28 4.41 -14.64
C ALA A 270 6.08 3.23 -15.16
N HIS A 271 5.44 2.33 -15.92
CA HIS A 271 6.12 1.18 -16.48
C HIS A 271 6.48 1.35 -17.95
N LEU A 272 5.77 2.21 -18.67
CA LEU A 272 6.06 2.44 -20.07
C LEU A 272 7.12 3.51 -20.29
N GLY A 273 7.27 4.44 -19.36
CA GLY A 273 8.22 5.52 -19.51
C GLY A 273 7.70 6.61 -20.40
N SER A 274 8.55 7.63 -20.59
CA SER A 274 8.19 8.77 -21.41
C SER A 274 8.23 8.42 -22.89
N GLY A 275 7.22 8.85 -23.62
CA GLY A 275 7.16 8.65 -25.06
C GLY A 275 6.50 7.37 -25.51
N GLY A 276 5.96 6.56 -24.60
CA GLY A 276 5.33 5.33 -25.01
C GLY A 276 4.06 5.58 -25.81
N LEU A 277 3.76 4.66 -26.73
CA LEU A 277 2.59 4.86 -27.58
C LEU A 277 2.04 3.52 -28.02
N GLY A 278 0.73 3.34 -27.92
CA GLY A 278 0.12 2.08 -28.25
C GLY A 278 -1.00 2.23 -29.27
N LEU A 279 -1.22 1.15 -30.01
CA LEU A 279 -2.36 1.01 -30.90
C LEU A 279 -3.14 -0.23 -30.47
N GLY A 280 -4.39 -0.03 -30.08
CA GLY A 280 -5.22 -1.14 -29.68
C GLY A 280 -6.39 -1.34 -30.62
N TYR A 281 -6.95 -2.55 -30.63
CA TYR A 281 -8.05 -2.86 -31.52
C TYR A 281 -9.04 -3.77 -30.81
N VAL A 282 -10.31 -3.60 -31.14
CA VAL A 282 -11.36 -4.53 -30.74
C VAL A 282 -12.21 -4.83 -31.97
N GLY A 283 -12.72 -6.05 -32.02
CA GLY A 283 -13.47 -6.50 -33.18
C GLY A 283 -14.97 -6.24 -33.08
N ARG A 284 -15.35 -5.13 -32.47
CA ARG A 284 -16.76 -4.77 -32.34
C ARG A 284 -16.91 -3.27 -32.57
N LYS A 285 -18.16 -2.86 -32.82
CA LYS A 285 -18.51 -1.45 -32.94
C LYS A 285 -18.92 -0.96 -31.55
N ILE A 286 -17.91 -0.58 -30.76
CA ILE A 286 -18.17 -0.12 -29.41
C ILE A 286 -18.83 1.25 -29.45
N ARG A 287 -19.91 1.41 -28.68
CA ARG A 287 -20.58 2.69 -28.55
C ARG A 287 -19.72 3.60 -27.68
N LEU A 288 -18.97 4.50 -28.33
CA LEU A 288 -18.07 5.38 -27.61
C LEU A 288 -18.74 6.64 -27.09
N THR A 289 -20.04 6.81 -27.35
CA THR A 289 -20.77 7.97 -26.86
C THR A 289 -21.60 7.62 -25.63
N HIS B 1 -7.95 -0.44 48.05
CA HIS B 1 -8.79 -1.34 47.26
C HIS B 1 -9.37 -0.61 46.05
N MET B 2 -8.69 -0.73 44.91
CA MET B 2 -9.13 -0.10 43.67
C MET B 2 -9.11 -1.13 42.54
N LYS B 3 -10.24 -1.26 41.85
CA LYS B 3 -10.38 -2.23 40.77
C LYS B 3 -10.02 -1.55 39.46
N ILE B 4 -8.71 -1.55 39.16
CA ILE B 4 -8.17 -0.90 37.97
C ILE B 4 -7.58 -1.96 37.05
N ALA B 5 -8.01 -1.96 35.79
CA ALA B 5 -7.46 -2.85 34.78
C ALA B 5 -6.48 -2.10 33.89
N VAL B 6 -5.50 -2.82 33.38
CA VAL B 6 -4.51 -2.27 32.46
C VAL B 6 -4.49 -3.14 31.22
N MET B 7 -4.72 -2.52 30.06
CA MET B 7 -4.69 -3.22 28.78
C MET B 7 -3.87 -2.42 27.79
N THR B 8 -3.66 -3.01 26.62
CA THR B 8 -2.84 -2.41 25.58
C THR B 8 -3.19 -3.04 24.25
N ASP B 9 -2.52 -2.59 23.19
CA ASP B 9 -2.71 -3.15 21.88
C ASP B 9 -1.64 -4.20 21.61
N SER B 10 -1.71 -4.83 20.44
CA SER B 10 -0.81 -5.93 20.13
C SER B 10 0.62 -5.48 19.90
N THR B 11 0.83 -4.19 19.61
CA THR B 11 2.16 -3.70 19.27
C THR B 11 3.08 -3.56 20.48
N SER B 12 2.58 -3.77 21.70
CA SER B 12 3.47 -3.75 22.85
C SER B 12 4.35 -5.00 22.91
N TYR B 13 3.92 -6.09 22.26
CA TYR B 13 4.73 -7.31 22.13
C TYR B 13 5.18 -7.84 23.50
N LEU B 14 4.25 -7.88 24.44
CA LEU B 14 4.53 -8.45 25.75
C LEU B 14 4.57 -9.97 25.67
N SER B 15 5.46 -10.57 26.46
CA SER B 15 5.58 -12.03 26.49
C SER B 15 4.32 -12.64 27.08
N GLN B 16 3.90 -13.77 26.50
CA GLN B 16 2.67 -14.42 26.91
C GLN B 16 2.64 -14.70 28.41
N ASP B 17 3.81 -14.93 29.02
CA ASP B 17 3.86 -15.19 30.45
C ASP B 17 3.28 -14.03 31.24
N LEU B 18 3.68 -12.80 30.90
CA LEU B 18 3.19 -11.63 31.62
C LEU B 18 1.70 -11.39 31.35
N ILE B 19 1.28 -11.54 30.09
CA ILE B 19 -0.13 -11.41 29.75
C ILE B 19 -0.98 -12.39 30.57
N ASP B 20 -0.52 -13.63 30.71
CA ASP B 20 -1.28 -14.60 31.47
C ASP B 20 -1.23 -14.30 32.96
N LYS B 21 -0.07 -13.91 33.48
CA LYS B 21 0.07 -13.67 34.91
C LYS B 21 -0.79 -12.51 35.37
N TYR B 22 -0.82 -11.42 34.59
CA TYR B 22 -1.53 -10.22 34.99
C TYR B 22 -2.87 -10.04 34.27
N ASN B 23 -3.29 -11.02 33.47
CA ASN B 23 -4.58 -10.99 32.77
C ASN B 23 -4.72 -9.70 31.95
N ILE B 24 -3.74 -9.48 31.07
CA ILE B 24 -3.69 -8.26 30.27
C ILE B 24 -4.52 -8.48 29.01
N GLN B 25 -5.53 -7.63 28.82
CA GLN B 25 -6.34 -7.69 27.60
C GLN B 25 -5.60 -6.98 26.47
N ILE B 26 -5.67 -7.57 25.28
CA ILE B 26 -4.93 -7.10 24.12
C ILE B 26 -5.93 -6.77 23.02
N ALA B 27 -5.88 -5.54 22.52
CA ALA B 27 -6.64 -5.18 21.32
C ALA B 27 -5.75 -5.37 20.11
N PRO B 28 -5.95 -6.40 19.31
CA PRO B 28 -5.00 -6.71 18.25
C PRO B 28 -5.14 -5.79 17.06
N LEU B 29 -4.00 -5.38 16.52
CA LEU B 29 -3.96 -4.66 15.26
C LEU B 29 -4.20 -5.60 14.10
N SER B 30 -4.85 -5.09 13.06
CA SER B 30 -5.22 -5.89 11.90
C SER B 30 -4.23 -5.66 10.77
N VAL B 31 -3.83 -6.75 10.12
CA VAL B 31 -2.97 -6.67 8.93
C VAL B 31 -3.82 -7.11 7.75
N THR B 32 -3.20 -7.76 6.77
CA THR B 32 -3.92 -8.25 5.61
C THR B 32 -3.15 -9.38 4.92
N THR B 40 -4.13 -10.50 11.67
CA THR B 40 -4.29 -10.11 13.06
C THR B 40 -3.09 -10.58 13.89
N GLU B 41 -2.45 -9.64 14.58
CA GLU B 41 -1.28 -9.95 15.39
C GLU B 41 -1.66 -10.86 16.55
N SER B 42 -1.09 -12.07 16.56
CA SER B 42 -1.40 -13.04 17.61
C SER B 42 -0.14 -13.44 18.38
N ILE B 60 4.93 -7.40 1.88
CA ILE B 60 4.54 -6.37 2.85
C ILE B 60 3.13 -5.89 2.55
N PRO B 61 2.16 -6.37 3.34
CA PRO B 61 0.76 -5.95 3.11
C PRO B 61 0.45 -4.61 3.76
N THR B 62 -0.81 -4.43 4.16
CA THR B 62 -1.26 -3.22 4.82
C THR B 62 -1.67 -3.52 6.26
N THR B 63 -1.38 -2.58 7.15
CA THR B 63 -1.76 -2.70 8.56
C THR B 63 -2.80 -1.64 8.90
N SER B 64 -3.57 -1.93 9.96
CA SER B 64 -4.62 -1.03 10.40
C SER B 64 -4.72 -1.09 11.92
N GLN B 65 -5.17 0.02 12.50
CA GLN B 65 -5.38 0.09 13.94
C GLN B 65 -6.52 -0.85 14.35
N PRO B 66 -6.58 -1.24 15.62
CA PRO B 66 -7.66 -2.12 16.07
C PRO B 66 -9.02 -1.49 15.84
N ALA B 67 -9.98 -2.31 15.44
CA ALA B 67 -11.34 -1.82 15.20
C ALA B 67 -11.94 -1.29 16.49
N ILE B 68 -12.94 -0.42 16.34
CA ILE B 68 -13.61 0.16 17.50
C ILE B 68 -14.26 -0.94 18.33
N GLY B 69 -14.85 -1.93 17.66
CA GLY B 69 -15.47 -3.04 18.39
C GLY B 69 -14.47 -3.84 19.20
N GLU B 70 -13.22 -3.93 18.74
CA GLU B 70 -12.20 -4.65 19.50
C GLU B 70 -11.88 -3.96 20.82
N TRP B 71 -11.97 -2.62 20.86
CA TRP B 71 -11.83 -1.92 22.12
C TRP B 71 -13.09 -2.01 22.95
N ILE B 72 -14.26 -1.91 22.30
CA ILE B 72 -15.54 -1.92 23.01
C ILE B 72 -15.73 -3.26 23.74
N THR B 73 -15.38 -4.37 23.09
CA THR B 73 -15.57 -5.68 23.70
C THR B 73 -14.71 -5.82 24.95
N LYS B 74 -13.43 -5.43 24.87
CA LYS B 74 -12.56 -5.51 26.03
C LYS B 74 -13.02 -4.57 27.15
N TYR B 75 -13.47 -3.37 26.79
CA TYR B 75 -13.95 -2.43 27.79
C TYR B 75 -15.15 -3.00 28.53
N GLU B 76 -16.12 -3.54 27.79
CA GLU B 76 -17.31 -4.09 28.40
C GLU B 76 -17.01 -5.36 29.19
N MET B 77 -16.04 -6.17 28.73
CA MET B 77 -15.64 -7.35 29.48
C MET B 77 -15.02 -6.97 30.81
N LEU B 78 -14.14 -5.97 30.81
CA LEU B 78 -13.54 -5.52 32.06
C LEU B 78 -14.56 -4.85 32.97
N ARG B 79 -15.52 -4.12 32.39
CA ARG B 79 -16.56 -3.51 33.19
C ARG B 79 -17.43 -4.56 33.86
N ASP B 80 -17.79 -5.62 33.12
CA ASP B 80 -18.58 -6.70 33.70
C ASP B 80 -17.82 -7.47 34.78
N GLN B 81 -16.49 -7.47 34.73
CA GLN B 81 -15.69 -8.17 35.73
C GLN B 81 -15.49 -7.36 37.00
N GLY B 82 -16.01 -6.14 37.07
CA GLY B 82 -15.90 -5.32 38.27
C GLY B 82 -14.92 -4.18 38.19
N TYR B 83 -14.17 -4.06 37.09
CA TYR B 83 -13.19 -2.98 36.97
C TYR B 83 -13.91 -1.65 36.73
N THR B 84 -13.62 -0.66 37.55
CA THR B 84 -14.19 0.67 37.37
C THR B 84 -13.33 1.57 36.50
N ASP B 85 -12.05 1.27 36.35
CA ASP B 85 -11.15 2.08 35.56
C ASP B 85 -10.23 1.18 34.74
N ILE B 86 -9.97 1.60 33.50
CA ILE B 86 -9.11 0.87 32.59
C ILE B 86 -8.01 1.81 32.09
N ILE B 87 -6.76 1.46 32.37
CA ILE B 87 -5.61 2.17 31.81
C ILE B 87 -5.27 1.52 30.47
N VAL B 88 -5.39 2.28 29.39
CA VAL B 88 -5.18 1.77 28.04
C VAL B 88 -3.87 2.35 27.52
N ILE B 89 -2.87 1.49 27.35
CA ILE B 89 -1.58 1.88 26.82
C ILE B 89 -1.57 1.60 25.32
N CYS B 90 -1.33 2.64 24.52
CA CYS B 90 -1.31 2.51 23.07
C CYS B 90 0.04 2.95 22.53
N LEU B 91 0.39 2.40 21.37
CA LEU B 91 1.59 2.84 20.67
C LEU B 91 1.44 4.29 20.21
N SER B 92 2.53 4.85 19.71
CA SER B 92 2.60 6.27 19.37
C SER B 92 1.46 6.68 18.46
N SER B 93 0.77 7.76 18.84
CA SER B 93 -0.29 8.32 18.01
C SER B 93 0.26 9.03 16.77
N GLY B 94 1.57 9.25 16.69
CA GLY B 94 2.17 9.85 15.53
C GLY B 94 2.54 8.88 14.43
N ILE B 95 2.33 7.58 14.64
CA ILE B 95 2.68 6.59 13.64
C ILE B 95 1.49 5.67 13.40
N SER B 96 0.45 5.82 14.23
CA SER B 96 -0.70 4.93 14.18
C SER B 96 -1.92 5.64 14.73
N GLY B 97 -3.09 5.16 14.32
CA GLY B 97 -4.35 5.70 14.81
C GLY B 97 -4.97 4.85 15.90
N SER B 98 -4.17 3.97 16.51
CA SER B 98 -4.72 3.06 17.52
C SER B 98 -5.07 3.80 18.81
N TYR B 99 -4.28 4.81 19.17
CA TYR B 99 -4.59 5.61 20.36
C TYR B 99 -5.89 6.38 20.18
N GLN B 100 -6.08 7.01 19.02
CA GLN B 100 -7.32 7.73 18.76
C GLN B 100 -8.51 6.77 18.74
N SER B 101 -8.32 5.56 18.18
CA SER B 101 -9.40 4.60 18.15
C SER B 101 -9.79 4.16 19.56
N SER B 102 -8.79 3.90 20.42
CA SER B 102 -9.09 3.54 21.79
C SER B 102 -9.74 4.69 22.55
N TYR B 103 -9.32 5.92 22.27
CA TYR B 103 -9.91 7.09 22.91
C TYR B 103 -11.38 7.23 22.54
N GLN B 104 -11.69 7.17 21.23
CA GLN B 104 -13.08 7.27 20.80
C GLN B 104 -13.92 6.11 21.32
N ALA B 105 -13.33 4.91 21.40
CA ALA B 105 -14.06 3.78 21.96
C ALA B 105 -14.39 3.99 23.42
N GLY B 106 -13.41 4.45 24.21
CA GLY B 106 -13.69 4.77 25.61
C GLY B 106 -14.71 5.88 25.76
N GLU B 107 -14.74 6.82 24.81
CA GLU B 107 -15.78 7.83 24.79
C GLU B 107 -17.15 7.21 24.54
N MET B 108 -17.20 6.18 23.69
CA MET B 108 -18.47 5.54 23.36
C MET B 108 -18.97 4.63 24.48
N VAL B 109 -18.08 4.00 25.23
CA VAL B 109 -18.50 3.06 26.27
C VAL B 109 -19.07 3.82 27.46
N GLU B 110 -19.87 3.11 28.26
CA GLU B 110 -20.48 3.68 29.45
C GLU B 110 -20.40 2.67 30.59
N GLY B 111 -20.32 3.19 31.81
CA GLY B 111 -20.22 2.35 32.99
C GLY B 111 -18.80 2.07 33.45
N VAL B 112 -17.80 2.57 32.73
CA VAL B 112 -16.40 2.37 33.10
C VAL B 112 -15.60 3.58 32.62
N ASN B 113 -14.58 3.94 33.40
CA ASN B 113 -13.73 5.09 33.07
C ASN B 113 -12.50 4.58 32.33
N VAL B 114 -12.39 4.95 31.06
CA VAL B 114 -11.26 4.55 30.23
C VAL B 114 -10.21 5.64 30.28
N HIS B 115 -8.95 5.26 30.55
CA HIS B 115 -7.83 6.19 30.59
C HIS B 115 -6.84 5.76 29.51
N ALA B 116 -6.99 6.32 28.31
CA ALA B 116 -6.10 6.00 27.21
C ALA B 116 -4.82 6.82 27.33
N PHE B 117 -3.68 6.13 27.29
CA PHE B 117 -2.37 6.75 27.41
C PHE B 117 -1.60 6.55 26.10
N ASP B 118 -1.08 7.65 25.55
CA ASP B 118 -0.27 7.61 24.34
C ASP B 118 1.19 7.42 24.76
N SER B 119 1.72 6.22 24.54
CA SER B 119 3.10 5.94 24.94
C SER B 119 4.11 6.67 24.08
N LYS B 120 3.71 7.19 22.92
CA LYS B 120 4.60 7.88 21.99
C LYS B 120 5.76 6.99 21.57
N LEU B 121 5.55 5.68 21.64
CA LEU B 121 6.60 4.75 21.26
C LEU B 121 6.04 3.41 20.80
N ILE B 122 6.77 2.32 21.00
CA ILE B 122 6.37 1.04 20.43
C ILE B 122 7.07 -0.12 21.10
N ALA B 123 6.57 -1.33 20.88
CA ALA B 123 7.23 -2.58 21.24
C ALA B 123 7.35 -2.64 22.77
N MET B 124 8.38 -3.37 23.26
CA MET B 124 8.49 -3.59 24.69
C MET B 124 8.71 -2.31 25.47
N ILE B 125 9.20 -1.24 24.83
CA ILE B 125 9.27 0.04 25.52
C ILE B 125 7.86 0.51 25.86
N GLU B 126 6.93 0.39 24.91
CA GLU B 126 5.52 0.66 25.19
C GLU B 126 4.97 -0.30 26.23
N GLY B 127 5.38 -1.58 26.18
CA GLY B 127 4.94 -2.53 27.18
C GLY B 127 5.43 -2.23 28.59
N CYS B 128 6.54 -1.50 28.70
CA CYS B 128 7.03 -1.09 30.01
C CYS B 128 6.05 -0.17 30.71
N TYR B 129 5.31 0.63 29.94
CA TYR B 129 4.24 1.42 30.53
C TYR B 129 3.15 0.52 31.10
N VAL B 130 2.82 -0.56 30.39
CA VAL B 130 1.83 -1.51 30.91
C VAL B 130 2.32 -2.09 32.23
N LEU B 131 3.56 -2.55 32.27
CA LEU B 131 4.10 -3.18 33.47
C LEU B 131 4.17 -2.20 34.63
N ARG B 132 4.54 -0.95 34.35
CA ARG B 132 4.59 0.06 35.41
C ARG B 132 3.19 0.39 35.92
N ALA B 133 2.21 0.48 35.02
CA ALA B 133 0.83 0.72 35.45
C ALA B 133 0.32 -0.42 36.32
N ILE B 134 0.62 -1.66 35.94
CA ILE B 134 0.20 -2.81 36.74
C ILE B 134 0.84 -2.77 38.11
N GLU B 135 2.15 -2.48 38.16
CA GLU B 135 2.85 -2.39 39.43
C GLU B 135 2.25 -1.29 40.32
N MET B 136 1.83 -0.18 39.71
CA MET B 136 1.23 0.90 40.49
C MET B 136 -0.19 0.56 40.95
N VAL B 137 -0.92 -0.21 40.14
CA VAL B 137 -2.23 -0.68 40.57
C VAL B 137 -2.08 -1.58 41.79
N GLU B 138 -1.12 -2.50 41.75
CA GLU B 138 -0.88 -3.37 42.89
C GLU B 138 -0.45 -2.58 44.13
N GLU B 139 0.22 -1.45 43.93
CA GLU B 139 0.68 -0.65 45.06
C GLU B 139 -0.42 0.22 45.67
N GLY B 140 -1.59 0.29 45.03
CA GLY B 140 -2.70 1.05 45.57
C GLY B 140 -2.88 2.45 45.02
N TYR B 141 -2.31 2.75 43.86
CA TYR B 141 -2.47 4.07 43.27
C TYR B 141 -3.78 4.18 42.52
N GLU B 142 -4.30 5.41 42.43
CA GLU B 142 -5.50 5.66 41.65
C GLU B 142 -5.12 6.05 40.22
N PRO B 143 -6.05 5.92 39.26
CA PRO B 143 -5.68 6.09 37.85
C PRO B 143 -4.99 7.40 37.52
N GLN B 144 -5.32 8.49 38.22
CA GLN B 144 -4.69 9.77 37.92
C GLN B 144 -3.21 9.77 38.30
N GLN B 145 -2.87 9.21 39.47
CA GLN B 145 -1.46 9.12 39.83
C GLN B 145 -0.70 8.22 38.88
N ILE B 146 -1.35 7.17 38.37
CA ILE B 146 -0.71 6.30 37.40
C ILE B 146 -0.45 7.06 36.10
N ILE B 147 -1.44 7.82 35.63
CA ILE B 147 -1.26 8.58 34.40
C ILE B 147 -0.15 9.61 34.56
N ASP B 148 -0.10 10.28 35.72
CA ASP B 148 0.96 11.25 35.94
C ASP B 148 2.33 10.59 36.00
N ASP B 149 2.43 9.44 36.65
CA ASP B 149 3.71 8.74 36.70
C ASP B 149 4.15 8.29 35.31
N LEU B 150 3.22 7.80 34.49
CA LEU B 150 3.55 7.40 33.13
C LEU B 150 3.95 8.60 32.28
N THR B 151 3.31 9.76 32.51
CA THR B 151 3.69 10.96 31.79
C THR B 151 5.11 11.38 32.15
N ASN B 152 5.45 11.33 33.44
CA ASN B 152 6.83 11.64 33.85
C ASN B 152 7.81 10.63 33.29
N MET B 153 7.43 9.35 33.26
CA MET B 153 8.29 8.32 32.69
C MET B 153 8.52 8.55 31.20
N ARG B 154 7.51 9.06 30.50
CA ARG B 154 7.65 9.31 29.07
C ARG B 154 8.75 10.34 28.78
N GLU B 155 9.00 11.25 29.71
CA GLU B 155 10.04 12.26 29.50
C GLU B 155 11.44 11.67 29.56
N HIS B 156 11.59 10.48 30.11
CA HIS B 156 12.90 9.82 30.24
C HIS B 156 12.91 8.47 29.53
N THR B 157 12.17 8.37 28.42
CA THR B 157 12.05 7.14 27.66
C THR B 157 12.41 7.43 26.22
N GLY B 158 13.02 6.45 25.56
CA GLY B 158 13.41 6.66 24.18
C GLY B 158 13.74 5.37 23.47
N LEU B 159 13.98 5.47 22.17
CA LEU B 159 14.28 4.30 21.36
C LEU B 159 15.00 4.73 20.08
N TYR B 160 16.24 4.28 19.91
CA TYR B 160 16.96 4.41 18.66
C TYR B 160 16.83 3.10 17.89
N LEU B 161 17.06 3.17 16.58
CA LEU B 161 16.89 1.97 15.75
C LEU B 161 17.68 2.09 14.46
N ILE B 162 17.92 0.94 13.85
CA ILE B 162 18.54 0.84 12.54
C ILE B 162 17.72 -0.13 11.70
N VAL B 163 17.71 0.11 10.39
CA VAL B 163 17.03 -0.73 9.41
C VAL B 163 17.97 -0.95 8.23
N ASP B 164 17.59 -1.89 7.37
CA ASP B 164 18.41 -2.17 6.19
C ASP B 164 18.15 -1.15 5.08
N ASP B 165 16.89 -0.81 4.85
CA ASP B 165 16.52 0.22 3.89
C ASP B 165 15.42 1.09 4.48
N LEU B 166 15.25 2.27 3.89
CA LEU B 166 14.19 3.19 4.27
C LEU B 166 12.98 3.08 3.34
N LYS B 167 12.98 2.12 2.42
CA LYS B 167 11.91 2.04 1.42
C LYS B 167 10.56 1.77 2.08
N ASN B 168 10.52 0.82 3.01
CA ASN B 168 9.25 0.48 3.68
C ASN B 168 8.74 1.66 4.48
N LEU B 169 9.61 2.31 5.25
CA LEU B 169 9.18 3.44 6.07
C LEU B 169 8.81 4.64 5.22
N GLN B 170 9.48 4.83 4.09
CA GLN B 170 9.13 5.95 3.21
C GLN B 170 7.80 5.71 2.50
N LYS B 171 7.58 4.46 2.06
CA LYS B 171 6.32 4.15 1.37
C LYS B 171 5.14 4.19 2.34
N SER B 172 5.33 3.71 3.57
CA SER B 172 4.28 3.77 4.57
C SER B 172 4.06 5.17 5.13
N GLY B 173 4.93 6.12 4.79
CA GLY B 173 4.78 7.47 5.30
C GLY B 173 5.01 7.62 6.78
N ARG B 174 5.67 6.65 7.42
CA ARG B 174 5.91 6.71 8.86
C ARG B 174 7.26 7.30 9.20
N ILE B 175 7.99 7.84 8.23
CA ILE B 175 9.24 8.54 8.46
C ILE B 175 9.02 10.01 8.17
N THR B 176 9.42 10.87 9.10
CA THR B 176 9.23 12.31 9.00
C THR B 176 10.55 12.96 8.64
N GLY B 177 10.66 13.42 7.40
CA GLY B 177 11.89 14.06 6.93
C GLY B 177 12.85 13.09 6.27
N LYS B 187 24.62 3.03 0.25
CA LYS B 187 25.77 2.31 0.79
C LYS B 187 25.92 2.57 2.28
N MET B 188 25.11 3.48 2.81
CA MET B 188 25.17 3.87 4.21
C MET B 188 23.98 3.28 4.98
N LYS B 189 24.24 2.92 6.23
CA LYS B 189 23.18 2.36 7.08
C LYS B 189 22.48 3.49 7.83
N PRO B 190 21.15 3.57 7.77
CA PRO B 190 20.45 4.67 8.43
C PRO B 190 20.18 4.41 9.90
N VAL B 191 20.51 5.37 10.76
CA VAL B 191 20.15 5.34 12.17
C VAL B 191 19.02 6.34 12.39
N LEU B 192 17.94 5.87 13.01
CA LEU B 192 16.79 6.69 13.30
C LEU B 192 16.53 6.68 14.80
N LYS B 193 15.69 7.62 15.24
CA LYS B 193 15.35 7.72 16.65
C LYS B 193 13.90 8.16 16.78
N PHE B 194 13.31 7.85 17.93
CA PHE B 194 11.99 8.35 18.24
C PHE B 194 12.10 9.70 18.94
N GLU B 195 11.18 10.60 18.61
CA GLU B 195 11.12 11.92 19.21
C GLU B 195 9.68 12.41 19.13
N ASP B 196 9.10 12.72 20.28
CA ASP B 196 7.70 13.17 20.37
C ASP B 196 6.77 12.24 19.61
N GLY B 197 7.04 10.94 19.70
CA GLY B 197 6.19 9.96 19.06
C GLY B 197 6.33 9.86 17.55
N LYS B 198 7.43 10.34 16.98
CA LYS B 198 7.66 10.25 15.55
C LYS B 198 9.07 9.73 15.28
N ILE B 199 9.25 9.10 14.14
CA ILE B 199 10.53 8.53 13.76
C ILE B 199 11.28 9.53 12.89
N ILE B 200 12.48 9.91 13.32
CA ILE B 200 13.28 10.90 12.59
C ILE B 200 14.69 10.35 12.38
N PRO B 201 15.33 10.65 11.26
CA PRO B 201 16.73 10.24 11.08
C PRO B 201 17.64 11.00 12.04
N GLU B 202 18.62 10.28 12.59
CA GLU B 202 19.58 10.87 13.52
C GLU B 202 21.00 10.90 12.98
N GLU B 203 21.45 9.81 12.35
CA GLU B 203 22.82 9.72 11.87
C GLU B 203 22.89 8.67 10.77
N LYS B 204 23.93 8.76 9.95
CA LYS B 204 24.22 7.78 8.90
C LYS B 204 25.61 7.22 9.12
N VAL B 205 25.73 5.89 9.06
CA VAL B 205 26.99 5.20 9.26
C VAL B 205 27.27 4.31 8.05
N ARG B 206 28.51 3.84 7.96
CA ARG B 206 28.92 3.06 6.79
C ARG B 206 28.47 1.60 6.89
N THR B 207 28.73 0.95 8.01
CA THR B 207 28.48 -0.48 8.18
C THR B 207 27.45 -0.71 9.27
N LYS B 208 26.92 -1.93 9.29
CA LYS B 208 25.96 -2.30 10.33
C LYS B 208 26.62 -2.37 11.70
N LYS B 209 27.89 -2.77 11.76
CA LYS B 209 28.60 -2.79 13.04
C LYS B 209 28.72 -1.39 13.61
N ARG B 210 29.05 -0.41 12.76
CA ARG B 210 29.06 0.99 13.20
C ARG B 210 27.69 1.44 13.67
N ALA B 211 26.62 0.94 13.03
CA ALA B 211 25.27 1.29 13.45
C ALA B 211 24.97 0.76 14.84
N ILE B 212 25.35 -0.50 15.10
CA ILE B 212 25.14 -1.07 16.43
C ILE B 212 25.94 -0.32 17.48
N GLN B 213 27.20 -0.01 17.16
CA GLN B 213 28.04 0.77 18.08
C GLN B 213 27.43 2.12 18.35
N THR B 214 26.86 2.76 17.33
CA THR B 214 26.22 4.06 17.51
C THR B 214 25.00 3.96 18.41
N LEU B 215 24.15 2.96 18.16
CA LEU B 215 23.00 2.73 19.05
C LEU B 215 23.45 2.63 20.50
N GLU B 216 24.43 1.75 20.75
CA GLU B 216 24.93 1.56 22.10
C GLU B 216 25.46 2.87 22.69
N LYS B 217 26.30 3.58 21.95
CA LYS B 217 26.94 4.78 22.47
C LYS B 217 25.90 5.85 22.79
N LYS B 218 24.95 6.08 21.88
CA LYS B 218 23.94 7.12 22.11
C LYS B 218 23.07 6.78 23.30
N VAL B 219 22.58 5.54 23.36
CA VAL B 219 21.70 5.17 24.47
C VAL B 219 22.44 5.23 25.80
N LEU B 220 23.72 4.81 25.83
CA LEU B 220 24.47 4.83 27.07
C LEU B 220 24.75 6.26 27.51
N ASP B 221 25.13 7.14 26.57
CA ASP B 221 25.35 8.53 26.93
C ASP B 221 24.08 9.20 27.42
N ILE B 222 22.92 8.77 26.92
CA ILE B 222 21.66 9.31 27.43
C ILE B 222 21.40 8.79 28.85
N VAL B 223 21.45 7.47 29.03
CA VAL B 223 20.99 6.87 30.28
C VAL B 223 21.99 6.99 31.43
N LYS B 224 23.23 7.39 31.16
CA LYS B 224 24.18 7.53 32.27
C LYS B 224 23.77 8.60 33.28
N ASP B 225 22.76 9.42 32.98
CA ASP B 225 22.27 10.44 33.88
C ASP B 225 21.02 10.02 34.64
N PHE B 226 20.50 8.82 34.41
CA PHE B 226 19.27 8.38 35.03
C PHE B 226 19.55 7.66 36.35
N GLU B 227 18.66 7.86 37.32
CA GLU B 227 18.81 7.17 38.61
C GLU B 227 18.51 5.68 38.48
N GLU B 228 17.60 5.31 37.60
CA GLU B 228 17.32 3.92 37.29
C GLU B 228 17.29 3.77 35.78
N VAL B 229 17.78 2.63 35.28
CA VAL B 229 17.91 2.39 33.85
C VAL B 229 17.38 1.01 33.52
N THR B 230 16.51 0.94 32.53
CA THR B 230 16.07 -0.33 31.96
C THR B 230 16.30 -0.26 30.46
N LEU B 231 17.13 -1.18 29.95
CA LEU B 231 17.46 -1.22 28.54
C LEU B 231 16.74 -2.39 27.87
N PHE B 232 16.44 -2.22 26.58
CA PHE B 232 15.71 -3.23 25.83
C PHE B 232 16.28 -3.32 24.42
N VAL B 233 16.78 -4.49 24.05
CA VAL B 233 17.14 -4.78 22.67
C VAL B 233 15.90 -5.33 21.98
N ILE B 234 15.45 -4.66 20.94
CA ILE B 234 14.25 -5.04 20.19
C ILE B 234 14.73 -5.52 18.83
N ASN B 235 14.79 -6.83 18.65
CA ASN B 235 15.41 -7.42 17.48
C ASN B 235 14.37 -7.75 16.41
N GLY B 236 14.84 -7.82 15.16
CA GLY B 236 14.02 -8.26 14.06
C GLY B 236 14.37 -9.67 13.63
N ASP B 237 14.49 -9.88 12.31
CA ASP B 237 14.79 -11.21 11.78
C ASP B 237 16.26 -11.58 11.86
N HIS B 238 17.15 -10.62 12.15
CA HIS B 238 18.58 -10.90 12.26
C HIS B 238 18.87 -11.27 13.72
N PHE B 239 18.82 -12.57 14.00
CA PHE B 239 18.95 -13.03 15.38
C PHE B 239 20.33 -12.73 15.96
N GLU B 240 21.38 -13.01 15.18
CA GLU B 240 22.74 -12.88 15.69
C GLU B 240 23.08 -11.43 16.02
N ASP B 241 22.61 -10.48 15.22
CA ASP B 241 22.89 -9.07 15.49
C ASP B 241 22.29 -8.64 16.81
N GLY B 242 21.00 -8.91 17.01
CA GLY B 242 20.37 -8.55 18.26
C GLY B 242 20.99 -9.25 19.46
N GLN B 243 21.34 -10.52 19.30
CA GLN B 243 21.98 -11.25 20.39
C GLN B 243 23.35 -10.67 20.72
N ALA B 244 24.12 -10.30 19.70
CA ALA B 244 25.43 -9.70 19.94
C ALA B 244 25.30 -8.37 20.66
N LEU B 245 24.34 -7.54 20.24
CA LEU B 245 24.11 -6.28 20.94
C LEU B 245 23.69 -6.52 22.39
N TYR B 246 22.81 -7.49 22.62
CA TYR B 246 22.38 -7.81 23.98
C TYR B 246 23.54 -8.25 24.85
N LYS B 247 24.42 -9.11 24.31
CA LYS B 247 25.55 -9.60 25.08
C LYS B 247 26.57 -8.50 25.33
N LYS B 248 26.80 -7.64 24.33
CA LYS B 248 27.72 -6.53 24.51
C LYS B 248 27.20 -5.54 25.54
N LEU B 249 25.89 -5.34 25.60
CA LEU B 249 25.32 -4.47 26.63
C LEU B 249 25.42 -5.13 28.01
N GLN B 250 25.21 -6.45 28.07
CA GLN B 250 25.38 -7.14 29.34
C GLN B 250 26.82 -7.03 29.85
N ASP B 251 27.78 -7.04 28.93
CA ASP B 251 29.19 -6.97 29.34
C ASP B 251 29.61 -5.54 29.68
N ASP B 252 29.15 -4.56 28.91
CA ASP B 252 29.59 -3.18 29.10
C ASP B 252 28.77 -2.43 30.14
N CYS B 253 27.53 -2.84 30.36
CA CYS B 253 26.76 -2.11 31.36
C CYS B 253 26.87 -2.76 32.72
N PRO B 254 26.83 -1.98 33.80
CA PRO B 254 26.83 -2.56 35.14
C PRO B 254 25.52 -3.28 35.42
N SER B 255 25.56 -4.12 36.45
CA SER B 255 24.37 -4.88 36.82
C SER B 255 23.26 -3.99 37.38
N ALA B 256 23.56 -2.73 37.72
CA ALA B 256 22.50 -1.82 38.13
C ALA B 256 21.56 -1.51 36.96
N TYR B 257 22.03 -1.65 35.73
CA TYR B 257 21.19 -1.52 34.55
C TYR B 257 20.46 -2.82 34.29
N GLN B 258 19.15 -2.74 34.09
CA GLN B 258 18.36 -3.88 33.66
C GLN B 258 18.43 -3.98 32.13
N VAL B 259 18.98 -5.07 31.62
CA VAL B 259 19.15 -5.28 30.18
C VAL B 259 18.36 -6.52 29.80
N ALA B 260 17.37 -6.34 28.93
CA ALA B 260 16.52 -7.44 28.48
C ALA B 260 16.51 -7.49 26.96
N TYR B 261 16.00 -8.60 26.43
CA TYR B 261 15.93 -8.87 25.01
C TYR B 261 14.48 -9.06 24.61
N SER B 262 14.10 -8.49 23.46
CA SER B 262 12.75 -8.62 22.93
C SER B 262 12.81 -8.61 21.42
N GLU B 263 11.70 -9.00 20.81
CA GLU B 263 11.61 -9.13 19.35
C GLU B 263 10.36 -8.43 18.85
N PHE B 264 10.35 -8.16 17.55
CA PHE B 264 9.26 -7.46 16.89
C PHE B 264 8.13 -8.43 16.54
N GLY B 265 7.00 -7.85 16.17
CA GLY B 265 5.88 -8.60 15.65
C GLY B 265 5.67 -8.33 14.18
N PRO B 266 4.63 -8.93 13.60
CA PRO B 266 4.43 -8.78 12.14
C PRO B 266 4.19 -7.35 11.70
N VAL B 267 3.52 -6.53 12.51
CA VAL B 267 3.20 -5.17 12.08
C VAL B 267 4.46 -4.33 11.93
N VAL B 268 5.28 -4.28 12.97
CA VAL B 268 6.52 -3.52 12.91
C VAL B 268 7.47 -4.10 11.88
N ALA B 269 7.50 -5.43 11.75
CA ALA B 269 8.39 -6.05 10.76
C ALA B 269 7.97 -5.68 9.35
N ALA B 270 6.67 -5.61 9.09
CA ALA B 270 6.18 -5.22 7.77
C ALA B 270 6.46 -3.74 7.50
N HIS B 271 6.30 -2.89 8.52
CA HIS B 271 6.56 -1.47 8.32
C HIS B 271 8.05 -1.13 8.26
N LEU B 272 8.91 -2.01 8.78
CA LEU B 272 10.35 -1.76 8.83
C LEU B 272 11.14 -2.53 7.80
N GLY B 273 10.64 -3.67 7.34
CA GLY B 273 11.42 -4.53 6.47
C GLY B 273 12.40 -5.38 7.25
N SER B 274 13.33 -5.96 6.51
CA SER B 274 14.33 -6.84 7.11
C SER B 274 15.44 -6.02 7.76
N GLY B 275 16.09 -6.62 8.76
CA GLY B 275 17.22 -6.00 9.41
C GLY B 275 16.87 -4.99 10.48
N GLY B 276 15.62 -4.96 10.95
CA GLY B 276 15.25 -4.00 11.98
C GLY B 276 15.89 -4.36 13.31
N LEU B 277 16.47 -3.36 13.98
CA LEU B 277 17.09 -3.58 15.27
C LEU B 277 17.08 -2.29 16.06
N GLY B 278 16.43 -2.29 17.22
CA GLY B 278 16.31 -1.11 18.04
C GLY B 278 16.90 -1.30 19.43
N LEU B 279 17.35 -0.19 20.01
CA LEU B 279 17.76 -0.13 21.40
C LEU B 279 16.91 0.92 22.10
N GLY B 280 16.09 0.47 23.05
CA GLY B 280 15.18 1.34 23.78
C GLY B 280 15.61 1.45 25.23
N TYR B 281 15.24 2.56 25.86
CA TYR B 281 15.65 2.83 27.22
C TYR B 281 14.50 3.47 27.99
N VAL B 282 14.42 3.13 29.27
CA VAL B 282 13.47 3.72 30.20
C VAL B 282 14.24 4.16 31.44
N GLY B 283 13.95 5.36 31.93
CA GLY B 283 14.61 5.89 33.10
C GLY B 283 14.00 5.39 34.39
N ARG B 284 13.48 4.17 34.37
CA ARG B 284 12.86 3.57 35.55
C ARG B 284 13.32 2.12 35.67
N LYS B 285 13.23 1.61 36.90
CA LYS B 285 13.35 0.18 37.15
C LYS B 285 11.99 -0.47 36.92
N ILE B 286 11.87 -1.23 35.84
CA ILE B 286 10.60 -1.82 35.44
C ILE B 286 10.56 -3.27 35.90
N ARG B 287 9.44 -3.66 36.49
CA ARG B 287 9.23 -5.05 36.92
C ARG B 287 8.92 -5.90 35.70
N LEU B 288 9.91 -6.66 35.25
CA LEU B 288 9.77 -7.50 34.06
C LEU B 288 9.25 -8.89 34.38
N THR B 289 9.03 -9.21 35.65
CA THR B 289 8.56 -10.53 36.06
C THR B 289 7.12 -10.47 36.55
C1 PLM C . -0.32 -3.42 -9.64
O1 PLM C . 0.81 -3.41 -9.13
O2 PLM C . -1.12 -4.36 -9.53
C2 PLM C . -0.73 -2.23 -10.49
C3 PLM C . -0.76 -2.53 -11.93
C4 PLM C . 0.27 -3.57 -12.32
C5 PLM C . 1.39 -3.04 -13.16
C6 PLM C . 0.96 -1.94 -14.09
C7 PLM C . 0.55 -2.44 -15.45
C8 PLM C . 1.49 -3.46 -16.03
C9 PLM C . 2.12 -3.03 -17.32
CA PLM C . 1.82 -1.61 -17.67
CB PLM C . 2.06 -1.25 -19.10
CC PLM C . 0.81 -1.11 -19.92
CD PLM C . 0.99 -0.38 -21.22
CE PLM C . -0.26 -0.25 -22.04
CF PLM C . -0.53 1.13 -22.59
CG PLM C . -1.90 1.32 -23.17
C1 PLM D . -1.90 0.94 12.20
O1 PLM D . -2.72 1.30 13.08
O2 PLM D . -1.94 -0.07 11.46
C2 PLM D . -0.69 1.90 12.01
C3 PLM D . 0.52 1.26 11.35
C4 PLM D . 1.08 0.09 12.14
C5 PLM D . 1.41 0.42 13.58
C6 PLM D . 2.91 0.42 13.90
C7 PLM D . 3.60 1.75 13.60
C8 PLM D . 3.98 1.93 12.13
C9 PLM D . 5.48 2.04 11.92
CA PLM D . 6.28 1.08 12.79
CB PLM D . 7.49 1.73 13.43
CC PLM D . 8.11 0.90 14.54
CD PLM D . 9.53 1.36 14.90
CE PLM D . 10.28 0.35 15.77
CF PLM D . 11.41 1.00 16.57
CG PLM D . 12.51 0.03 16.99
#